data_4CZL
#
_entry.id   4CZL
#
_cell.length_a   68.651
_cell.length_b   68.651
_cell.length_c   68.731
_cell.angle_alpha   90.00
_cell.angle_beta   90.00
_cell.angle_gamma   120.00
#
_symmetry.space_group_name_H-M   'P 32'
#
loop_
_entity.id
_entity.type
_entity.pdbx_description
1 polymer 'ROD SHAPE-DETERMINING PROTEIN MREB'
2 non-polymer 'MAGNESIUM ION'
3 non-polymer "ADENOSINE-5'-DIPHOSPHATE"
4 water water
#
_entity_poly.entity_id   1
_entity_poly.type   'polypeptide(L)'
_entity_poly.pdbx_seq_one_letter_code
;MISNDIAIDLGTANTLIYQKGKGIVLNEPSVVALRNVGGRKVVHAVGIEAKQMLGRTPGHMEAIRPMRDGVIADFEVAEE
MIKYFIRKVHNRKGSGNPKVIVCVPSGATAVERRAINDSCLNAGARRVGLIDEPMAAAIGAGLPIHEPTGSMVVDIGGGT
TEVAVLSLSGIVYSRSVRVGGDKMDEAIISYMRRHHNLLIGETTAERIKKEIGTARAPADGEGLSIDVKGRDLMQGVPRE
VRISEKQAADALAEPVGQIVEAVKVALEATPPELADDIADKGIMLTGGGALLRGLDAEIRDHTGLPVTVADDPLSCVALG
CGKVLEHPKWMKGVLESTLAGSHHHHHH
;
_entity_poly.pdbx_strand_id   A
#
loop_
_chem_comp.id
_chem_comp.type
_chem_comp.name
_chem_comp.formula
ADP non-polymer ADENOSINE-5'-DIPHOSPHATE 'C10 H15 N5 O10 P2'
MG non-polymer 'MAGNESIUM ION' 'Mg 2'
#
# COMPACT_ATOMS: atom_id res chain seq x y z
N ILE A 2 -29.23 10.66 -1.84
CA ILE A 2 -28.03 10.09 -1.22
C ILE A 2 -27.14 9.40 -2.26
N SER A 3 -25.83 9.59 -2.13
CA SER A 3 -24.88 9.21 -3.19
C SER A 3 -24.28 7.81 -3.05
N ASN A 4 -24.06 7.17 -4.19
CA ASN A 4 -23.28 5.94 -4.24
C ASN A 4 -21.90 6.16 -4.87
N ASP A 5 -21.54 7.42 -5.11
CA ASP A 5 -20.24 7.71 -5.72
C ASP A 5 -19.15 7.26 -4.73
N ILE A 6 -18.12 6.60 -5.25
CA ILE A 6 -17.05 6.06 -4.41
C ILE A 6 -15.66 6.23 -5.01
N ALA A 7 -14.65 6.22 -4.15
CA ALA A 7 -13.27 6.22 -4.63
C ALA A 7 -12.64 5.00 -3.99
N ILE A 8 -11.94 4.20 -4.78
CA ILE A 8 -11.37 2.93 -4.30
C ILE A 8 -9.86 3.00 -4.30
N ASP A 9 -9.25 2.84 -3.12
CA ASP A 9 -7.79 2.62 -3.04
C ASP A 9 -7.56 1.12 -3.15
N LEU A 10 -7.16 0.68 -4.34
CA LEU A 10 -7.00 -0.73 -4.61
C LEU A 10 -5.56 -1.12 -4.30
N GLY A 11 -5.28 -1.34 -3.03
CA GLY A 11 -3.91 -1.56 -2.60
C GLY A 11 -3.45 -2.99 -2.74
N THR A 12 -2.12 -3.17 -2.72
CA THR A 12 -1.53 -4.50 -2.81
C THR A 12 -1.89 -5.34 -1.60
N ALA A 13 -2.11 -4.67 -0.47
CA ALA A 13 -2.40 -5.30 0.82
C ALA A 13 -3.78 -4.96 1.36
N ASN A 14 -4.17 -3.70 1.28
CA ASN A 14 -5.47 -3.27 1.79
C ASN A 14 -6.26 -2.52 0.74
N THR A 15 -7.57 -2.78 0.71
CA THR A 15 -8.47 -1.97 -0.12
C THR A 15 -9.33 -1.08 0.77
N LEU A 16 -9.39 0.20 0.42
CA LEU A 16 -10.21 1.14 1.16
C LEU A 16 -11.18 1.77 0.18
N ILE A 17 -12.40 2.02 0.65
CA ILE A 17 -13.36 2.73 -0.18
C ILE A 17 -13.87 3.95 0.54
N TYR A 18 -13.73 5.10 -0.10
CA TYR A 18 -14.29 6.36 0.37
C TYR A 18 -15.64 6.52 -0.35
N GLN A 19 -16.68 6.86 0.40
CA GLN A 19 -17.99 7.08 -0.21
C GLN A 19 -18.42 8.52 -0.02
N LYS A 20 -18.96 9.12 -1.08
CA LYS A 20 -19.36 10.51 -1.04
C LYS A 20 -20.34 10.73 0.10
N GLY A 21 -20.07 11.77 0.89
CA GLY A 21 -20.93 12.13 1.99
C GLY A 21 -20.89 11.19 3.19
N LYS A 22 -19.96 10.23 3.19
CA LYS A 22 -19.86 9.31 4.31
C LYS A 22 -18.44 9.09 4.80
N GLY A 23 -17.46 9.28 3.93
CA GLY A 23 -16.07 9.06 4.30
C GLY A 23 -15.63 7.62 4.03
N ILE A 24 -14.68 7.13 4.82
CA ILE A 24 -14.16 5.78 4.59
C ILE A 24 -15.10 4.72 5.15
N VAL A 25 -15.73 3.97 4.25
CA VAL A 25 -16.78 3.02 4.65
C VAL A 25 -16.34 1.57 4.60
N LEU A 26 -15.17 1.32 4.03
CA LEU A 26 -14.66 -0.05 3.94
C LEU A 26 -13.14 0.00 3.95
N ASN A 27 -12.54 -0.85 4.79
CA ASN A 27 -11.08 -0.96 4.88
C ASN A 27 -10.82 -2.44 5.16
N GLU A 28 -10.48 -3.19 4.12
CA GLU A 28 -10.34 -4.65 4.19
C GLU A 28 -9.11 -5.13 3.46
N PRO A 29 -8.55 -6.27 3.89
CA PRO A 29 -7.39 -6.80 3.15
C PRO A 29 -7.76 -7.21 1.74
N SER A 30 -6.82 -7.04 0.81
CA SER A 30 -7.06 -7.32 -0.58
C SER A 30 -6.76 -8.78 -0.85
N VAL A 31 -7.59 -9.65 -0.29
CA VAL A 31 -7.30 -11.08 -0.30
C VAL A 31 -8.60 -11.81 -0.64
N VAL A 32 -8.48 -12.93 -1.33
CA VAL A 32 -9.62 -13.78 -1.63
C VAL A 32 -9.30 -15.19 -1.14
N ALA A 33 -10.31 -15.91 -0.69
CA ALA A 33 -10.15 -17.32 -0.36
C ALA A 33 -10.71 -18.12 -1.52
N LEU A 34 -9.89 -18.96 -2.14
CA LEU A 34 -10.31 -19.79 -3.25
C LEU A 34 -10.57 -21.20 -2.73
N ARG A 35 -11.65 -21.81 -3.23
CA ARG A 35 -11.95 -23.19 -2.88
C ARG A 35 -11.84 -24.05 -4.14
N ASN A 36 -11.27 -25.25 -4.01
CA ASN A 36 -11.27 -26.18 -5.12
C ASN A 36 -12.55 -27.03 -5.16
N VAL A 37 -13.33 -26.88 -6.23
CA VAL A 37 -14.54 -27.68 -6.42
C VAL A 37 -14.50 -28.28 -7.82
N GLY A 38 -14.39 -29.61 -7.88
CA GLY A 38 -14.33 -30.33 -9.15
C GLY A 38 -13.31 -29.78 -10.13
N GLY A 39 -12.09 -29.55 -9.67
CA GLY A 39 -11.03 -29.03 -10.53
C GLY A 39 -11.23 -27.57 -10.96
N ARG A 40 -12.31 -26.96 -10.51
CA ARG A 40 -12.58 -25.55 -10.79
C ARG A 40 -12.14 -24.76 -9.56
N LYS A 41 -11.65 -23.54 -9.75
CA LYS A 41 -11.38 -22.67 -8.60
C LYS A 41 -12.51 -21.68 -8.40
N VAL A 42 -13.02 -21.61 -7.17
CA VAL A 42 -14.16 -20.77 -6.87
C VAL A 42 -13.76 -19.67 -5.89
N VAL A 43 -14.12 -18.42 -6.20
CA VAL A 43 -13.95 -17.35 -5.24
C VAL A 43 -14.99 -17.53 -4.15
N HIS A 44 -14.54 -18.01 -2.99
CA HIS A 44 -15.42 -18.45 -1.91
C HIS A 44 -15.69 -17.33 -0.89
N ALA A 45 -14.69 -16.50 -0.64
CA ALA A 45 -14.85 -15.41 0.29
C ALA A 45 -13.88 -14.29 -0.13
N VAL A 46 -14.18 -13.07 0.28
CA VAL A 46 -13.37 -11.90 -0.09
C VAL A 46 -13.11 -11.03 1.13
N GLY A 47 -11.93 -10.43 1.21
CA GLY A 47 -11.72 -9.41 2.24
C GLY A 47 -11.55 -9.94 3.66
N ILE A 48 -12.07 -9.19 4.62
CA ILE A 48 -11.87 -9.53 6.01
C ILE A 48 -12.54 -10.88 6.30
N GLU A 49 -13.64 -11.16 5.61
CA GLU A 49 -14.33 -12.45 5.77
C GLU A 49 -13.45 -13.60 5.30
N ALA A 50 -12.69 -13.37 4.23
CA ALA A 50 -11.76 -14.37 3.73
C ALA A 50 -10.62 -14.57 4.71
N LYS A 51 -10.02 -13.46 5.14
CA LYS A 51 -8.91 -13.53 6.08
C LYS A 51 -9.34 -14.20 7.39
N GLN A 52 -10.56 -13.93 7.84
CA GLN A 52 -11.08 -14.51 9.09
C GLN A 52 -11.36 -16.01 8.98
N MET A 53 -11.58 -16.51 7.76
CA MET A 53 -11.80 -17.95 7.59
C MET A 53 -10.57 -18.69 7.05
N LEU A 54 -9.53 -17.94 6.68
CA LEU A 54 -8.28 -18.55 6.24
C LEU A 54 -7.37 -18.88 7.42
N MET A 61 -8.76 -24.33 1.63
CA MET A 61 -8.84 -23.16 0.76
C MET A 61 -7.52 -22.41 0.61
N GLU A 62 -7.35 -21.77 -0.53
CA GLU A 62 -6.09 -21.12 -0.89
C GLU A 62 -6.27 -19.61 -0.77
N ALA A 63 -5.34 -18.94 -0.10
CA ALA A 63 -5.34 -17.47 -0.04
C ALA A 63 -4.72 -16.92 -1.32
N ILE A 64 -5.38 -15.94 -1.93
CA ILE A 64 -4.80 -15.25 -3.07
C ILE A 64 -4.91 -13.73 -2.90
N ARG A 65 -3.78 -13.06 -3.02
CA ARG A 65 -3.75 -11.60 -3.03
C ARG A 65 -3.48 -11.19 -4.47
N PRO A 66 -4.54 -10.82 -5.20
CA PRO A 66 -4.42 -10.68 -6.66
C PRO A 66 -3.65 -9.44 -7.10
N MET A 67 -3.38 -8.54 -6.17
CA MET A 67 -2.63 -7.32 -6.49
C MET A 67 -1.32 -7.26 -5.72
N ARG A 68 -0.87 -8.38 -5.16
CA ARG A 68 0.18 -8.39 -4.13
C ARG A 68 1.48 -7.69 -4.52
N ASP A 69 1.83 -7.74 -5.81
CA ASP A 69 3.12 -7.19 -6.24
C ASP A 69 2.95 -5.91 -7.05
N GLY A 70 1.78 -5.30 -6.97
CA GLY A 70 1.54 -4.07 -7.69
C GLY A 70 1.19 -4.25 -9.15
N VAL A 71 0.93 -5.50 -9.53
CA VAL A 71 0.46 -5.83 -10.86
C VAL A 71 -0.69 -6.79 -10.65
N ILE A 72 -1.59 -6.88 -11.62
CA ILE A 72 -2.67 -7.85 -11.50
C ILE A 72 -2.15 -9.25 -11.81
N ALA A 73 -2.10 -10.10 -10.79
CA ALA A 73 -1.59 -11.47 -10.92
C ALA A 73 -2.64 -12.42 -11.50
N ASP A 74 -3.90 -12.20 -11.12
CA ASP A 74 -5.00 -13.05 -11.54
C ASP A 74 -6.18 -12.15 -11.89
N PHE A 75 -6.47 -12.03 -13.18
CA PHE A 75 -7.44 -11.06 -13.65
C PHE A 75 -8.85 -11.38 -13.22
N GLU A 76 -9.22 -12.65 -13.32
CA GLU A 76 -10.57 -13.06 -12.94
C GLU A 76 -10.81 -12.81 -11.46
N VAL A 77 -9.84 -13.19 -10.63
CA VAL A 77 -9.98 -13.04 -9.18
C VAL A 77 -9.95 -11.56 -8.79
N ALA A 78 -9.09 -10.77 -9.43
CA ALA A 78 -9.06 -9.35 -9.10
C ALA A 78 -10.40 -8.68 -9.43
N GLU A 79 -11.00 -9.07 -10.55
CA GLU A 79 -12.28 -8.52 -10.95
C GLU A 79 -13.38 -8.89 -9.94
N GLU A 80 -13.37 -10.15 -9.52
CA GLU A 80 -14.34 -10.62 -8.53
C GLU A 80 -14.17 -9.92 -7.19
N MET A 81 -12.93 -9.62 -6.81
CA MET A 81 -12.67 -8.92 -5.57
C MET A 81 -13.18 -7.50 -5.64
N ILE A 82 -12.88 -6.81 -6.74
CA ILE A 82 -13.37 -5.45 -6.96
C ILE A 82 -14.89 -5.37 -6.93
N LYS A 83 -15.56 -6.25 -7.68
CA LYS A 83 -17.02 -6.26 -7.70
C LYS A 83 -17.62 -6.54 -6.33
N TYR A 84 -16.99 -7.45 -5.58
CA TYR A 84 -17.48 -7.77 -4.24
C TYR A 84 -17.47 -6.54 -3.34
N PHE A 85 -16.35 -5.81 -3.36
CA PHE A 85 -16.21 -4.65 -2.49
C PHE A 85 -17.21 -3.57 -2.90
N ILE A 86 -17.34 -3.34 -4.21
CA ILE A 86 -18.27 -2.32 -4.70
C ILE A 86 -19.70 -2.66 -4.28
N ARG A 87 -20.06 -3.93 -4.40
CA ARG A 87 -21.40 -4.41 -4.05
C ARG A 87 -21.64 -4.27 -2.56
N LYS A 88 -20.59 -4.49 -1.78
CA LYS A 88 -20.71 -4.45 -0.34
C LYS A 88 -21.05 -3.05 0.20
N VAL A 89 -20.58 -2.00 -0.47
CA VAL A 89 -20.80 -0.65 0.03
C VAL A 89 -21.99 0.03 -0.61
N HIS A 90 -22.60 -0.63 -1.59
CA HIS A 90 -23.74 -0.06 -2.30
C HIS A 90 -24.91 0.22 -1.37
N ASN A 91 -25.48 1.40 -1.48
CA ASN A 91 -26.65 1.75 -0.70
C ASN A 91 -27.90 1.57 -1.57
N ARG A 92 -28.83 0.72 -1.13
CA ARG A 92 -30.04 0.45 -1.90
C ARG A 92 -30.91 1.69 -2.11
N LYS A 93 -30.83 2.61 -1.15
CA LYS A 93 -31.63 3.83 -1.16
C LYS A 93 -30.90 4.95 -1.86
N GLY A 94 -29.78 4.64 -2.49
CA GLY A 94 -29.01 5.64 -3.21
C GLY A 94 -29.04 5.41 -4.71
N SER A 95 -28.41 6.31 -5.46
CA SER A 95 -28.37 6.22 -6.92
C SER A 95 -27.80 4.91 -7.44
N GLY A 96 -28.35 4.41 -8.55
CA GLY A 96 -27.94 3.12 -9.08
C GLY A 96 -26.78 3.17 -10.04
N ASN A 97 -26.46 4.36 -10.55
CA ASN A 97 -25.34 4.50 -11.50
C ASN A 97 -24.27 5.49 -11.06
N PRO A 98 -23.44 5.10 -10.09
CA PRO A 98 -22.49 6.06 -9.50
C PRO A 98 -21.24 6.33 -10.33
N LYS A 99 -20.57 7.43 -10.02
CA LYS A 99 -19.23 7.72 -10.51
C LYS A 99 -18.25 7.04 -9.56
N VAL A 100 -17.21 6.44 -10.11
CA VAL A 100 -16.19 5.72 -9.33
C VAL A 100 -14.81 6.24 -9.68
N ILE A 101 -13.95 6.38 -8.66
CA ILE A 101 -12.54 6.67 -8.89
C ILE A 101 -11.77 5.47 -8.38
N VAL A 102 -10.72 5.05 -9.08
CA VAL A 102 -9.84 3.99 -8.58
C VAL A 102 -8.40 4.45 -8.64
N CYS A 103 -7.69 4.25 -7.54
CA CYS A 103 -6.28 4.54 -7.51
C CYS A 103 -5.50 3.31 -7.99
N VAL A 104 -4.58 3.53 -8.94
CA VAL A 104 -3.79 2.43 -9.50
C VAL A 104 -2.29 2.77 -9.48
N PRO A 105 -1.44 1.74 -9.57
CA PRO A 105 0.00 2.08 -9.60
C PRO A 105 0.37 2.88 -10.85
N SER A 106 1.38 3.74 -10.75
CA SER A 106 1.81 4.56 -11.88
C SER A 106 2.17 3.74 -13.12
N GLY A 107 2.78 2.57 -12.90
CA GLY A 107 3.20 1.71 -14.00
C GLY A 107 2.14 0.72 -14.46
N ALA A 108 0.90 0.89 -14.01
CA ALA A 108 -0.17 -0.01 -14.46
C ALA A 108 -0.29 0.10 -15.99
N THR A 109 -0.39 -1.06 -16.64
CA THR A 109 -0.44 -1.13 -18.11
C THR A 109 -1.84 -0.90 -18.64
N ALA A 110 -1.96 -0.69 -19.95
CA ALA A 110 -3.26 -0.47 -20.55
C ALA A 110 -4.23 -1.62 -20.28
N VAL A 111 -3.74 -2.85 -20.36
CA VAL A 111 -4.56 -4.04 -20.10
C VAL A 111 -5.05 -4.09 -18.66
N GLU A 112 -4.16 -3.79 -17.72
CA GLU A 112 -4.54 -3.77 -16.31
C GLU A 112 -5.55 -2.67 -16.03
N ARG A 113 -5.29 -1.49 -16.59
CA ARG A 113 -6.21 -0.35 -16.44
C ARG A 113 -7.57 -0.63 -17.07
N ARG A 114 -7.57 -1.28 -18.23
CA ARG A 114 -8.83 -1.63 -18.89
C ARG A 114 -9.61 -2.62 -18.03
N ALA A 115 -8.91 -3.57 -17.45
CA ALA A 115 -9.53 -4.58 -16.58
C ALA A 115 -10.18 -3.93 -15.37
N ILE A 116 -9.50 -2.97 -14.77
CA ILE A 116 -10.06 -2.25 -13.61
C ILE A 116 -11.27 -1.42 -14.00
N ASN A 117 -11.16 -0.68 -15.10
CA ASN A 117 -12.30 0.08 -15.63
C ASN A 117 -13.51 -0.81 -15.88
N ASP A 118 -13.27 -1.97 -16.49
CA ASP A 118 -14.38 -2.87 -16.83
C ASP A 118 -15.03 -3.43 -15.57
N SER A 119 -14.23 -3.79 -14.58
CA SER A 119 -14.74 -4.27 -13.30
C SER A 119 -15.73 -3.29 -12.68
N CYS A 120 -15.40 -2.01 -12.71
CA CYS A 120 -16.27 -0.99 -12.15
C CYS A 120 -17.51 -0.76 -13.01
N LEU A 121 -17.33 -0.73 -14.33
CA LEU A 121 -18.47 -0.62 -15.24
C LEU A 121 -19.41 -1.82 -15.09
N ASN A 122 -18.84 -3.01 -14.92
CA ASN A 122 -19.66 -4.22 -14.76
C ASN A 122 -20.39 -4.28 -13.40
N ALA A 123 -19.95 -3.46 -12.46
CA ALA A 123 -20.62 -3.39 -11.16
C ALA A 123 -21.63 -2.24 -11.14
N GLY A 124 -21.73 -1.51 -12.25
CA GLY A 124 -22.77 -0.51 -12.41
C GLY A 124 -22.36 0.95 -12.53
N ALA A 125 -21.06 1.25 -12.53
CA ALA A 125 -20.62 2.64 -12.59
C ALA A 125 -21.03 3.30 -13.90
N ARG A 126 -21.42 4.56 -13.84
CA ARG A 126 -21.73 5.33 -15.06
C ARG A 126 -20.46 5.98 -15.61
N ARG A 127 -19.46 6.13 -14.75
CA ARG A 127 -18.19 6.71 -15.16
C ARG A 127 -17.09 6.20 -14.23
N VAL A 128 -15.89 5.98 -14.76
CA VAL A 128 -14.74 5.56 -13.94
C VAL A 128 -13.56 6.47 -14.25
N GLY A 129 -12.93 7.01 -13.20
CA GLY A 129 -11.70 7.76 -13.38
C GLY A 129 -10.57 7.07 -12.64
N LEU A 130 -9.41 6.96 -13.26
CA LEU A 130 -8.25 6.35 -12.61
C LEU A 130 -7.30 7.44 -12.17
N ILE A 131 -6.74 7.28 -10.98
CA ILE A 131 -5.74 8.23 -10.49
C ILE A 131 -4.48 7.46 -10.10
N ASP A 132 -3.31 8.01 -10.39
CA ASP A 132 -2.08 7.30 -10.05
C ASP A 132 -1.82 7.39 -8.54
N GLU A 133 -1.35 6.29 -7.97
CA GLU A 133 -1.07 6.20 -6.53
C GLU A 133 -0.28 7.38 -5.94
N PRO A 134 0.86 7.76 -6.53
CA PRO A 134 1.58 8.84 -5.84
C PRO A 134 0.88 10.20 -5.90
N MET A 135 0.06 10.45 -6.91
CA MET A 135 -0.73 11.68 -6.92
C MET A 135 -1.80 11.68 -5.80
N ALA A 136 -2.53 10.58 -5.67
CA ALA A 136 -3.49 10.43 -4.58
C ALA A 136 -2.80 10.57 -3.22
N ALA A 137 -1.62 9.97 -3.09
CA ALA A 137 -0.89 10.01 -1.81
C ALA A 137 -0.46 11.44 -1.48
N ALA A 138 0.02 12.16 -2.50
CA ALA A 138 0.45 13.55 -2.32
C ALA A 138 -0.73 14.42 -1.89
N ILE A 139 -1.85 14.24 -2.58
CA ILE A 139 -3.05 15.00 -2.28
C ILE A 139 -3.52 14.72 -0.84
N GLY A 140 -3.50 13.45 -0.43
CA GLY A 140 -3.97 13.11 0.90
C GLY A 140 -3.01 13.58 1.97
N ALA A 141 -1.74 13.72 1.59
CA ALA A 141 -0.71 14.14 2.55
C ALA A 141 -0.72 15.66 2.67
N GLY A 142 -1.43 16.31 1.75
CA GLY A 142 -1.53 17.76 1.76
C GLY A 142 -0.40 18.51 1.08
N LEU A 143 0.34 17.81 0.22
CA LEU A 143 1.42 18.43 -0.53
C LEU A 143 0.86 19.39 -1.58
N PRO A 144 1.50 20.57 -1.73
CA PRO A 144 1.05 21.57 -2.71
C PRO A 144 1.45 21.16 -4.12
N ILE A 145 0.72 20.19 -4.69
CA ILE A 145 1.02 19.70 -6.01
C ILE A 145 0.55 20.63 -7.13
N HIS A 146 0.11 21.83 -6.79
CA HIS A 146 -0.22 22.80 -7.83
C HIS A 146 0.95 23.75 -8.15
N GLU A 147 1.74 24.07 -7.12
CA GLU A 147 2.85 25.00 -7.24
C GLU A 147 3.97 24.46 -8.14
N PRO A 148 4.87 25.35 -8.62
CA PRO A 148 6.00 24.89 -9.43
C PRO A 148 7.12 24.38 -8.53
N THR A 149 6.88 24.43 -7.23
CA THR A 149 7.80 23.90 -6.23
C THR A 149 7.87 22.39 -6.38
N GLY A 150 9.08 21.83 -6.29
CA GLY A 150 9.25 20.40 -6.35
C GLY A 150 8.82 19.73 -5.06
N SER A 151 8.08 18.64 -5.18
CA SER A 151 7.73 17.82 -4.02
C SER A 151 8.16 16.38 -4.29
N MET A 152 8.61 15.67 -3.26
CA MET A 152 8.89 14.23 -3.40
C MET A 152 8.02 13.46 -2.42
N VAL A 153 7.30 12.46 -2.93
CA VAL A 153 6.49 11.62 -2.06
C VAL A 153 7.02 10.18 -2.20
N VAL A 154 7.09 9.48 -1.07
CA VAL A 154 7.56 8.10 -1.05
C VAL A 154 6.44 7.33 -0.35
N ASP A 155 5.78 6.44 -1.08
CA ASP A 155 4.61 5.73 -0.61
C ASP A 155 5.01 4.26 -0.43
N ILE A 156 5.18 3.84 0.82
CA ILE A 156 5.65 2.48 1.09
C ILE A 156 4.41 1.67 1.46
N GLY A 157 4.01 0.78 0.55
CA GLY A 157 2.78 0.00 0.73
C GLY A 157 3.16 -1.42 1.13
N GLY A 158 2.34 -2.37 0.68
CA GLY A 158 2.55 -3.77 1.00
C GLY A 158 3.58 -4.35 0.07
N GLY A 159 3.27 -4.40 -1.21
CA GLY A 159 4.13 -5.11 -2.14
C GLY A 159 5.04 -4.20 -2.93
N THR A 160 4.86 -2.89 -2.78
CA THR A 160 5.63 -1.92 -3.54
C THR A 160 5.93 -0.67 -2.73
N THR A 161 6.99 0.00 -3.13
CA THR A 161 7.24 1.38 -2.72
C THR A 161 7.30 2.20 -4.00
N GLU A 162 6.52 3.27 -4.04
CA GLU A 162 6.49 4.17 -5.19
C GLU A 162 7.13 5.47 -4.76
N VAL A 163 8.05 5.99 -5.57
CA VAL A 163 8.62 7.31 -5.29
C VAL A 163 8.30 8.21 -6.47
N ALA A 164 7.85 9.42 -6.21
CA ALA A 164 7.54 10.34 -7.31
C ALA A 164 7.96 11.76 -6.96
N VAL A 165 8.33 12.50 -7.99
CA VAL A 165 8.55 13.93 -7.87
C VAL A 165 7.39 14.61 -8.60
N LEU A 166 6.72 15.54 -7.91
CA LEU A 166 5.53 16.22 -8.43
C LEU A 166 5.83 17.69 -8.64
N SER A 167 5.12 18.30 -9.59
CA SER A 167 5.09 19.75 -9.77
C SER A 167 4.15 20.08 -10.93
N LEU A 168 3.65 21.33 -10.94
CA LEU A 168 2.83 21.81 -12.05
C LEU A 168 1.60 20.92 -12.26
N SER A 169 0.98 20.53 -11.14
CA SER A 169 -0.14 19.58 -11.14
C SER A 169 0.18 18.26 -11.86
N GLY A 170 1.45 17.86 -11.86
CA GLY A 170 1.84 16.67 -12.58
C GLY A 170 3.03 15.92 -12.02
N ILE A 171 3.09 14.63 -12.35
CA ILE A 171 4.23 13.81 -12.00
C ILE A 171 5.36 14.04 -12.99
N VAL A 172 6.52 14.42 -12.47
CA VAL A 172 7.72 14.68 -13.27
C VAL A 172 8.60 13.44 -13.35
N TYR A 173 8.60 12.68 -12.27
CA TYR A 173 9.37 11.45 -12.19
C TYR A 173 8.60 10.50 -11.33
N SER A 174 8.66 9.21 -11.67
CA SER A 174 8.12 8.18 -10.79
C SER A 174 8.79 6.83 -11.05
N ARG A 175 8.96 6.05 -9.99
CA ARG A 175 9.58 4.75 -10.08
C ARG A 175 9.06 3.93 -8.94
N SER A 176 8.79 2.66 -9.19
CA SER A 176 8.36 1.78 -8.12
C SER A 176 9.31 0.59 -8.02
N VAL A 177 9.48 0.09 -6.81
CA VAL A 177 10.28 -1.11 -6.59
C VAL A 177 9.41 -2.07 -5.81
N ARG A 178 9.67 -3.37 -5.98
CA ARG A 178 8.88 -4.36 -5.27
C ARG A 178 9.43 -4.65 -3.89
N VAL A 179 9.49 -3.62 -3.06
CA VAL A 179 9.92 -3.75 -1.70
C VAL A 179 8.99 -2.85 -0.88
N GLY A 180 8.43 -3.40 0.18
CA GLY A 180 7.51 -2.67 1.01
C GLY A 180 7.30 -3.45 2.29
N GLY A 181 6.13 -3.33 2.90
CA GLY A 181 5.86 -4.04 4.13
C GLY A 181 5.83 -5.55 4.03
N ASP A 182 5.43 -6.09 2.90
CA ASP A 182 5.42 -7.55 2.71
C ASP A 182 6.83 -8.13 2.81
N LYS A 183 7.78 -7.51 2.13
CA LYS A 183 9.17 -7.98 2.18
C LYS A 183 9.78 -7.84 3.58
N MET A 184 9.31 -6.85 4.33
CA MET A 184 9.74 -6.72 5.70
C MET A 184 9.23 -7.92 6.51
N ASP A 185 7.97 -8.30 6.30
CA ASP A 185 7.42 -9.48 6.98
C ASP A 185 8.14 -10.75 6.57
N GLU A 186 8.40 -10.90 5.28
CA GLU A 186 9.11 -12.07 4.76
C GLU A 186 10.53 -12.16 5.34
N ALA A 187 11.17 -11.01 5.53
CA ALA A 187 12.50 -10.97 6.14
C ALA A 187 12.45 -11.48 7.57
N ILE A 188 11.40 -11.15 8.29
CA ILE A 188 11.26 -11.60 9.66
C ILE A 188 10.98 -13.10 9.69
N ILE A 189 10.14 -13.57 8.77
CA ILE A 189 9.84 -15.01 8.68
C ILE A 189 11.12 -15.78 8.38
N SER A 190 11.90 -15.26 7.43
CA SER A 190 13.16 -15.90 7.03
C SER A 190 14.18 -15.90 8.16
N TYR A 191 14.26 -14.80 8.89
CA TYR A 191 15.13 -14.72 10.04
C TYR A 191 14.78 -15.76 11.10
N MET A 192 13.50 -15.90 11.41
CA MET A 192 13.12 -16.88 12.43
C MET A 192 13.46 -18.30 11.99
N ARG A 193 13.30 -18.57 10.71
CA ARG A 193 13.52 -19.91 10.18
C ARG A 193 15.00 -20.25 10.18
N ARG A 194 15.81 -19.31 9.69
CA ARG A 194 17.25 -19.55 9.52
C ARG A 194 18.04 -19.39 10.80
N HIS A 195 17.70 -18.39 11.61
CA HIS A 195 18.43 -18.12 12.85
C HIS A 195 17.89 -18.83 14.08
N HIS A 196 16.64 -19.27 14.04
CA HIS A 196 16.02 -19.84 15.23
C HIS A 196 15.31 -21.14 14.97
N ASN A 197 15.49 -21.67 13.76
CA ASN A 197 14.82 -22.90 13.32
C ASN A 197 13.33 -22.92 13.67
N LEU A 198 12.67 -21.78 13.49
CA LEU A 198 11.30 -21.63 13.93
C LEU A 198 10.45 -21.20 12.75
N LEU A 199 9.39 -21.95 12.46
CA LEU A 199 8.44 -21.55 11.44
C LEU A 199 7.37 -20.63 12.05
N ILE A 200 7.23 -19.42 11.50
CA ILE A 200 6.19 -18.52 11.95
C ILE A 200 5.39 -18.07 10.75
N GLY A 201 4.14 -17.66 11.00
CA GLY A 201 3.27 -17.20 9.93
C GLY A 201 3.25 -15.68 9.78
N GLU A 202 2.52 -15.19 8.78
CA GLU A 202 2.47 -13.77 8.47
C GLU A 202 1.91 -12.93 9.61
N THR A 203 0.90 -13.46 10.29
CA THR A 203 0.29 -12.74 11.41
C THR A 203 1.30 -12.50 12.52
N THR A 204 2.08 -13.53 12.85
CA THR A 204 3.10 -13.40 13.86
C THR A 204 4.18 -12.44 13.37
N ALA A 205 4.54 -12.56 12.09
CA ALA A 205 5.61 -11.71 11.55
C ALA A 205 5.19 -10.25 11.64
N GLU A 206 3.93 -9.97 11.30
CA GLU A 206 3.45 -8.59 11.37
C GLU A 206 3.40 -8.07 12.81
N ARG A 207 3.06 -8.93 13.78
CA ARG A 207 3.08 -8.48 15.17
C ARG A 207 4.50 -8.12 15.61
N ILE A 208 5.47 -8.93 15.20
CA ILE A 208 6.85 -8.62 15.55
C ILE A 208 7.22 -7.26 14.95
N LYS A 209 6.91 -7.07 13.67
CA LYS A 209 7.26 -5.84 12.98
C LYS A 209 6.65 -4.62 13.66
N LYS A 210 5.40 -4.73 14.08
CA LYS A 210 4.74 -3.61 14.75
C LYS A 210 5.24 -3.35 16.17
N GLU A 211 5.57 -4.41 16.90
CA GLU A 211 5.93 -4.28 18.32
C GLU A 211 7.41 -3.95 18.60
N ILE A 212 8.32 -4.63 17.91
CA ILE A 212 9.75 -4.36 18.09
C ILE A 212 10.48 -4.04 16.80
N GLY A 213 9.77 -4.10 15.67
CA GLY A 213 10.39 -3.80 14.39
C GLY A 213 10.90 -2.38 14.35
N THR A 214 12.07 -2.18 13.75
CA THR A 214 12.64 -0.84 13.64
C THR A 214 13.66 -0.80 12.51
N ALA A 215 13.82 0.37 11.89
CA ALA A 215 14.76 0.55 10.80
C ALA A 215 16.19 0.79 11.29
N ARG A 216 16.33 1.12 12.58
CA ARG A 216 17.65 1.39 13.16
C ARG A 216 17.85 0.58 14.41
N ALA A 217 18.97 -0.14 14.47
CA ALA A 217 19.31 -0.88 15.67
C ALA A 217 19.43 0.06 16.85
N PRO A 218 19.15 -0.44 18.06
CA PRO A 218 19.37 0.35 19.27
C PRO A 218 20.87 0.56 19.51
N ALA A 219 21.30 1.81 19.69
CA ALA A 219 22.66 2.05 20.16
C ALA A 219 22.74 1.37 21.52
N ASP A 220 21.75 1.71 22.34
CA ASP A 220 21.28 0.96 23.50
C ASP A 220 21.91 -0.41 23.81
N GLY A 221 22.19 -1.21 22.76
CA GLY A 221 22.58 -2.60 22.96
C GLY A 221 21.61 -3.48 22.19
N GLU A 222 20.80 -4.26 22.89
CA GLU A 222 19.81 -5.12 22.23
C GLU A 222 18.37 -4.61 22.27
N GLY A 223 18.09 -3.65 23.14
CA GLY A 223 16.77 -3.03 23.21
C GLY A 223 15.72 -3.91 23.86
N LEU A 224 14.46 -3.69 23.51
CA LEU A 224 13.37 -4.45 24.10
C LEU A 224 13.27 -5.82 23.44
N SER A 225 12.54 -6.73 24.08
CA SER A 225 12.33 -8.06 23.49
C SER A 225 10.91 -8.55 23.66
N ILE A 226 10.50 -9.49 22.82
CA ILE A 226 9.19 -10.14 22.93
C ILE A 226 9.30 -11.64 22.72
N ASP A 227 8.29 -12.36 23.19
CA ASP A 227 8.20 -13.81 22.96
C ASP A 227 7.50 -14.10 21.65
N VAL A 228 8.08 -15.00 20.86
CA VAL A 228 7.54 -15.35 19.55
C VAL A 228 7.17 -16.84 19.55
N LYS A 229 5.90 -17.14 19.29
CA LYS A 229 5.44 -18.52 19.22
C LYS A 229 5.39 -19.03 17.79
N GLY A 230 5.94 -20.23 17.56
CA GLY A 230 5.94 -20.83 16.24
C GLY A 230 6.02 -22.35 16.33
N ARG A 231 6.36 -22.99 15.22
CA ARG A 231 6.59 -24.43 15.23
C ARG A 231 8.05 -24.73 14.89
N ASP A 232 8.63 -25.70 15.59
CA ASP A 232 10.00 -26.08 15.31
C ASP A 232 10.14 -26.59 13.89
N LEU A 233 11.26 -26.25 13.24
CA LEU A 233 11.46 -26.54 11.82
C LEU A 233 11.49 -28.04 11.52
N MET A 234 12.37 -28.77 12.19
CA MET A 234 12.51 -30.20 11.93
C MET A 234 11.39 -31.02 12.57
N GLN A 235 11.06 -30.71 13.81
CA GLN A 235 10.06 -31.46 14.57
C GLN A 235 8.63 -31.13 14.16
N GLY A 236 8.24 -29.88 14.35
CA GLY A 236 6.86 -29.47 14.08
C GLY A 236 6.12 -29.17 15.37
N VAL A 237 6.82 -29.28 16.49
CA VAL A 237 6.25 -29.01 17.81
C VAL A 237 6.26 -27.52 18.12
N PRO A 238 5.17 -27.01 18.73
CA PRO A 238 5.15 -25.61 19.16
C PRO A 238 6.34 -25.23 20.03
N ARG A 239 7.04 -24.15 19.67
CA ARG A 239 8.15 -23.67 20.48
C ARG A 239 8.08 -22.15 20.59
N GLU A 240 8.62 -21.62 21.68
CA GLU A 240 8.64 -20.19 21.94
C GLU A 240 10.10 -19.69 21.95
N VAL A 241 10.33 -18.54 21.32
CA VAL A 241 11.67 -17.95 21.23
C VAL A 241 11.64 -16.46 21.55
N ARG A 242 12.56 -16.02 22.39
CA ARG A 242 12.72 -14.58 22.67
C ARG A 242 13.50 -13.90 21.56
N ILE A 243 12.99 -12.76 21.10
CA ILE A 243 13.62 -11.99 20.03
C ILE A 243 13.74 -10.55 20.50
N SER A 244 14.89 -9.92 20.25
CA SER A 244 15.14 -8.56 20.70
C SER A 244 14.94 -7.56 19.57
N GLU A 245 14.79 -6.29 19.94
CA GLU A 245 14.73 -5.18 18.99
C GLU A 245 15.97 -5.15 18.10
N LYS A 246 17.13 -5.49 18.65
CA LYS A 246 18.34 -5.55 17.85
C LYS A 246 18.23 -6.63 16.78
N GLN A 247 17.72 -7.80 17.15
CA GLN A 247 17.56 -8.90 16.21
C GLN A 247 16.56 -8.57 15.10
N ALA A 248 15.45 -7.93 15.46
CA ALA A 248 14.48 -7.54 14.45
C ALA A 248 15.06 -6.48 13.51
N ALA A 249 15.86 -5.57 14.06
CA ALA A 249 16.54 -4.58 13.25
C ALA A 249 17.45 -5.25 12.23
N ASP A 250 18.18 -6.28 12.69
CA ASP A 250 19.05 -7.05 11.79
C ASP A 250 18.25 -7.69 10.68
N ALA A 251 17.12 -8.30 11.03
CA ALA A 251 16.28 -8.99 10.08
C ALA A 251 15.77 -8.06 9.01
N LEU A 252 15.47 -6.82 9.40
CA LEU A 252 14.84 -5.86 8.49
C LEU A 252 15.84 -5.02 7.69
N ALA A 253 17.12 -5.15 8.02
CA ALA A 253 18.14 -4.28 7.41
C ALA A 253 18.12 -4.31 5.87
N GLU A 254 17.96 -5.50 5.30
CA GLU A 254 18.01 -5.65 3.86
C GLU A 254 16.83 -4.96 3.11
N PRO A 255 15.58 -5.28 3.49
CA PRO A 255 14.52 -4.52 2.80
C PRO A 255 14.54 -3.02 3.13
N VAL A 256 14.89 -2.65 4.37
CA VAL A 256 15.01 -1.24 4.69
C VAL A 256 16.06 -0.59 3.80
N GLY A 257 17.19 -1.29 3.60
CA GLY A 257 18.25 -0.79 2.75
C GLY A 257 17.79 -0.59 1.32
N GLN A 258 16.90 -1.45 0.85
CA GLN A 258 16.41 -1.34 -0.52
C GLN A 258 15.46 -0.17 -0.68
N ILE A 259 14.70 0.15 0.37
CA ILE A 259 13.83 1.31 0.34
C ILE A 259 14.66 2.60 0.33
N VAL A 260 15.72 2.64 1.15
CA VAL A 260 16.63 3.78 1.15
C VAL A 260 17.26 3.95 -0.23
N GLU A 261 17.70 2.86 -0.82
CA GLU A 261 18.29 2.93 -2.17
C GLU A 261 17.32 3.47 -3.21
N ALA A 262 16.05 3.06 -3.13
CA ALA A 262 15.03 3.59 -4.02
C ALA A 262 14.89 5.11 -3.92
N VAL A 263 14.94 5.64 -2.71
CA VAL A 263 14.85 7.08 -2.53
C VAL A 263 16.07 7.76 -3.16
N LYS A 264 17.26 7.19 -2.91
CA LYS A 264 18.50 7.77 -3.43
C LYS A 264 18.55 7.73 -4.96
N VAL A 265 18.11 6.61 -5.54
CA VAL A 265 18.00 6.49 -7.00
C VAL A 265 17.05 7.56 -7.57
N ALA A 266 15.94 7.80 -6.88
CA ALA A 266 14.98 8.81 -7.32
C ALA A 266 15.60 10.20 -7.26
N LEU A 267 16.35 10.46 -6.19
CA LEU A 267 17.03 11.74 -6.02
C LEU A 267 18.02 12.01 -7.16
N GLU A 268 18.84 11.04 -7.51
CA GLU A 268 19.83 11.25 -8.56
C GLU A 268 19.16 11.45 -9.92
N ALA A 269 17.95 10.93 -10.07
CA ALA A 269 17.21 11.09 -11.31
C ALA A 269 16.28 12.32 -11.30
N THR A 270 16.26 13.05 -10.20
CA THR A 270 15.41 14.23 -10.09
C THR A 270 15.98 15.32 -10.98
N PRO A 271 15.20 15.68 -12.01
CA PRO A 271 15.62 16.76 -12.91
C PRO A 271 15.86 18.05 -12.14
N PRO A 272 17.10 18.55 -12.15
CA PRO A 272 17.29 19.89 -11.59
C PRO A 272 16.65 20.85 -12.59
N GLU A 273 16.02 21.94 -12.18
CA GLU A 273 16.05 22.58 -10.87
C GLU A 273 15.70 21.79 -9.60
N LEU A 274 14.75 20.88 -9.72
CA LEU A 274 13.98 20.40 -8.57
C LEU A 274 14.74 19.92 -7.34
N ALA A 275 16.00 19.54 -7.52
CA ALA A 275 16.86 19.10 -6.42
C ALA A 275 16.71 19.96 -5.17
N ASP A 276 16.93 21.27 -5.31
CA ASP A 276 16.95 22.17 -4.18
C ASP A 276 15.61 22.38 -3.47
N ASP A 277 14.50 22.22 -4.19
CA ASP A 277 13.18 22.34 -3.57
C ASP A 277 12.92 21.18 -2.62
N ILE A 278 13.68 20.11 -2.83
CA ILE A 278 13.50 18.91 -2.03
C ILE A 278 14.17 19.07 -0.67
N ALA A 279 15.44 19.49 -0.63
CA ALA A 279 16.12 19.65 0.66
C ALA A 279 15.57 20.79 1.52
N ASP A 280 14.61 21.55 0.99
CA ASP A 280 13.97 22.56 1.82
C ASP A 280 13.00 21.92 2.79
N LYS A 281 11.89 21.39 2.28
CA LYS A 281 10.95 20.69 3.15
C LYS A 281 11.05 19.18 3.09
N GLY A 282 12.01 18.67 2.32
CA GLY A 282 12.38 17.27 2.43
C GLY A 282 11.66 16.29 1.53
N ILE A 283 11.19 15.23 2.18
CA ILE A 283 10.53 14.12 1.51
C ILE A 283 9.30 13.83 2.34
N MET A 284 8.17 13.52 1.70
CA MET A 284 6.94 13.17 2.42
C MET A 284 6.75 11.65 2.35
N LEU A 285 6.78 10.97 3.50
CA LEU A 285 6.55 9.51 3.56
C LEU A 285 5.09 9.20 3.79
N THR A 286 4.53 8.28 3.02
CA THR A 286 3.17 7.83 3.27
C THR A 286 3.07 6.32 3.05
N GLY A 287 1.87 5.78 3.25
CA GLY A 287 1.70 4.34 3.15
C GLY A 287 1.92 3.68 4.50
N GLY A 288 1.35 2.48 4.64
CA GLY A 288 1.48 1.75 5.89
C GLY A 288 2.93 1.43 6.24
N GLY A 289 3.75 1.19 5.22
CA GLY A 289 5.14 0.84 5.47
C GLY A 289 5.90 1.95 6.15
N ALA A 290 5.43 3.19 5.97
CA ALA A 290 6.04 4.36 6.61
C ALA A 290 5.92 4.31 8.11
N LEU A 291 5.09 3.43 8.64
CA LEU A 291 4.89 3.36 10.08
C LEU A 291 5.99 2.52 10.74
N LEU A 292 6.86 1.90 9.94
CA LEU A 292 7.98 1.18 10.54
C LEU A 292 8.80 2.12 11.41
N ARG A 293 9.00 1.74 12.67
CA ARG A 293 9.68 2.63 13.62
C ARG A 293 11.06 2.99 13.11
N GLY A 294 11.35 4.28 13.11
CA GLY A 294 12.66 4.78 12.75
C GLY A 294 12.99 4.83 11.26
N LEU A 295 12.05 4.44 10.40
CA LEU A 295 12.35 4.44 8.98
C LEU A 295 12.52 5.85 8.46
N ASP A 296 11.76 6.78 9.01
CA ASP A 296 11.91 8.18 8.63
C ASP A 296 13.32 8.69 8.95
N ALA A 297 13.79 8.39 10.16
CA ALA A 297 15.13 8.78 10.58
C ALA A 297 16.22 8.11 9.74
N GLU A 298 16.01 6.85 9.41
CA GLU A 298 16.96 6.11 8.58
C GLU A 298 17.08 6.70 7.17
N ILE A 299 15.95 7.11 6.59
CA ILE A 299 15.98 7.73 5.27
C ILE A 299 16.65 9.09 5.38
N ARG A 300 16.27 9.87 6.39
CA ARG A 300 16.94 11.14 6.65
C ARG A 300 18.45 10.98 6.74
N ASP A 301 18.91 10.04 7.56
CA ASP A 301 20.35 9.87 7.78
C ASP A 301 21.16 9.43 6.55
N HIS A 302 20.52 8.72 5.62
CA HIS A 302 21.25 8.20 4.47
C HIS A 302 21.03 8.98 3.17
N THR A 303 20.22 10.03 3.24
CA THR A 303 20.00 10.92 2.10
C THR A 303 20.44 12.34 2.42
N GLY A 304 20.59 12.62 3.71
CA GLY A 304 20.88 13.98 4.14
C GLY A 304 19.74 14.92 3.84
N LEU A 305 18.55 14.36 3.65
CA LEU A 305 17.35 15.16 3.40
C LEU A 305 16.39 15.04 4.58
N PRO A 306 15.66 16.12 4.88
CA PRO A 306 14.63 16.01 5.92
C PRO A 306 13.50 15.09 5.46
N VAL A 307 12.80 14.49 6.42
CA VAL A 307 11.79 13.49 6.09
C VAL A 307 10.61 13.68 7.01
N THR A 308 9.44 13.87 6.42
CA THR A 308 8.21 14.05 7.19
C THR A 308 7.28 12.87 6.92
N VAL A 309 6.74 12.26 7.98
CA VAL A 309 5.72 11.24 7.81
C VAL A 309 4.34 11.91 7.77
N ALA A 310 3.62 11.66 6.69
CA ALA A 310 2.29 12.22 6.50
C ALA A 310 1.40 11.90 7.70
N ASP A 311 0.44 12.77 8.00
CA ASP A 311 -0.53 12.38 8.99
C ASP A 311 -1.35 11.24 8.40
N ASP A 312 -1.65 10.26 9.24
CA ASP A 312 -2.49 9.13 8.85
C ASP A 312 -1.99 8.40 7.59
N PRO A 313 -0.74 7.91 7.61
CA PRO A 313 -0.12 7.35 6.39
C PRO A 313 -0.87 6.15 5.77
N LEU A 314 -1.57 5.35 6.57
CA LEU A 314 -2.33 4.23 6.02
C LEU A 314 -3.49 4.67 5.15
N SER A 315 -4.06 5.84 5.47
CA SER A 315 -5.28 6.33 4.81
C SER A 315 -5.06 7.44 3.80
N CYS A 316 -3.81 7.91 3.67
CA CYS A 316 -3.52 9.07 2.81
C CYS A 316 -4.04 8.93 1.40
N VAL A 317 -3.73 7.80 0.76
CA VAL A 317 -4.21 7.60 -0.60
C VAL A 317 -5.73 7.65 -0.70
N ALA A 318 -6.44 6.94 0.18
CA ALA A 318 -7.90 6.95 0.17
C ALA A 318 -8.46 8.34 0.40
N LEU A 319 -7.87 9.10 1.32
CA LEU A 319 -8.37 10.45 1.61
C LEU A 319 -8.09 11.40 0.46
N GLY A 320 -6.99 11.19 -0.27
CA GLY A 320 -6.71 12.01 -1.44
C GLY A 320 -7.72 11.72 -2.54
N CYS A 321 -7.97 10.44 -2.78
CA CYS A 321 -8.98 10.06 -3.77
C CYS A 321 -10.33 10.63 -3.39
N GLY A 322 -10.63 10.61 -2.09
CA GLY A 322 -11.91 11.10 -1.61
C GLY A 322 -12.03 12.58 -1.87
N LYS A 323 -10.93 13.32 -1.72
CA LYS A 323 -10.95 14.76 -1.95
C LYS A 323 -11.22 15.05 -3.43
N VAL A 324 -10.61 14.27 -4.31
CA VAL A 324 -10.84 14.44 -5.75
C VAL A 324 -12.29 14.10 -6.09
N LEU A 325 -12.83 13.09 -5.41
CA LEU A 325 -14.22 12.66 -5.61
C LEU A 325 -15.19 13.76 -5.19
N GLU A 326 -14.91 14.38 -4.04
CA GLU A 326 -15.80 15.42 -3.50
C GLU A 326 -15.67 16.78 -4.15
N HIS A 327 -14.47 17.11 -4.62
CA HIS A 327 -14.18 18.42 -5.20
C HIS A 327 -13.56 18.24 -6.57
N PRO A 328 -14.35 17.74 -7.53
CA PRO A 328 -13.80 17.37 -8.85
C PRO A 328 -13.34 18.59 -9.65
N LYS A 329 -13.81 19.78 -9.27
CA LYS A 329 -13.35 21.00 -9.91
C LYS A 329 -12.02 21.50 -9.34
N TRP A 330 -11.70 21.05 -8.13
CA TRP A 330 -10.47 21.47 -7.47
C TRP A 330 -9.23 21.17 -8.29
N MET A 331 -9.22 20.04 -8.99
CA MET A 331 -8.07 19.78 -9.87
C MET A 331 -8.22 18.98 -11.16
N LYS A 332 -8.26 19.73 -12.25
CA LYS A 332 -7.68 19.37 -13.54
C LYS A 332 -7.87 17.97 -14.13
N GLY A 333 -6.81 17.47 -14.75
CA GLY A 333 -6.77 16.09 -15.21
C GLY A 333 -5.88 15.26 -14.31
N VAL A 334 -6.29 15.09 -13.06
CA VAL A 334 -5.68 14.07 -12.21
C VAL A 334 -6.26 12.71 -12.59
N LEU A 335 -7.47 12.75 -13.14
CA LEU A 335 -8.19 11.55 -13.51
C LEU A 335 -8.09 11.24 -15.00
N GLU A 336 -7.93 9.96 -15.30
CA GLU A 336 -8.07 9.49 -16.67
C GLU A 336 -9.38 8.74 -16.70
N SER A 337 -10.36 9.27 -17.43
CA SER A 337 -11.75 8.82 -17.29
C SER A 337 -12.34 8.02 -18.47
N THR A 338 -13.34 7.20 -18.15
CA THR A 338 -14.03 6.33 -19.12
C THR A 338 -15.52 6.25 -18.74
N LEU A 339 -16.40 6.48 -19.71
CA LEU A 339 -17.83 6.39 -19.40
C LEU A 339 -18.44 5.05 -19.80
N ALA A 340 -19.67 4.82 -19.37
CA ALA A 340 -20.43 3.64 -19.77
C ALA A 340 -21.08 3.92 -21.12
MG MG B . -1.12 1.89 -1.43
PB ADP C . -1.11 -1.03 0.06
O1B ADP C . -2.22 -2.01 0.33
O2B ADP C . -0.08 -1.52 -0.94
O3B ADP C . -1.63 0.37 -0.24
PA ADP C . -0.64 -0.01 2.75
O1A ADP C . -2.04 -0.35 3.22
O2A ADP C . -0.28 1.44 2.46
O3A ADP C . -0.30 -0.95 1.47
O5' ADP C . 0.46 -0.54 3.81
C5' ADP C . 0.36 -1.91 4.22
C4' ADP C . 1.61 -2.26 4.99
O4' ADP C . 1.70 -1.38 6.11
C3' ADP C . 1.58 -3.68 5.50
O3' ADP C . 2.79 -4.33 5.08
C2' ADP C . 1.56 -3.51 6.99
O2' ADP C . 2.28 -4.51 7.71
C1' ADP C . 2.23 -2.16 7.17
N9 ADP C . 1.98 -1.60 8.49
C8 ADP C . 0.79 -1.28 9.06
N7 ADP C . 1.00 -0.81 10.30
C5 ADP C . 2.33 -0.82 10.56
C6 ADP C . 3.23 -0.47 11.67
N6 ADP C . 2.75 0.03 12.83
N1 ADP C . 4.56 -0.66 11.49
C2 ADP C . 5.08 -1.16 10.36
N3 ADP C . 4.31 -1.49 9.31
C4 ADP C . 2.96 -1.36 9.36
#